data_3QNT
#
_entry.id   3QNT
#
_cell.length_a   73.235
_cell.length_b   107.133
_cell.length_c   68.718
_cell.angle_alpha   90.00
_cell.angle_beta   90.00
_cell.angle_gamma   90.00
#
_symmetry.space_group_name_H-M   'C 2 2 21'
#
loop_
_entity.id
_entity.type
_entity.pdbx_description
1 polymer 'Niemann-Pick C1-like protein 1'
2 non-polymer 2-acetamido-2-deoxy-beta-D-glucopyranose
#
_entity_poly.entity_id   1
_entity_poly.type   'polypeptide(L)'
_entity_poly.pdbx_seq_one_letter_code
;GAEPYTTIHQPGYCAFYDECGKNPELSGSLMTLSNVSCLSNTPARKITGDHLILLQKICPRLYTGPNTQACCSAKQLVSL
EASLSITKALLTRCPACSDNFVNLHCHNTCSPNQSLFINVTRVAQLGAGQLPAVVAYEAFYQHSFAEQSYDSCSRVRVPA
AATLAVGTMCGVYGSALCNAQRWLNFQGDTGNGLAPLDITFHLLEPGQAVGSGIQPLNEGVARCNESQGDDVATCSCQDC
AASCPAIARPQALDSTFYLGQMPGS
;
_entity_poly.pdbx_strand_id   A
#
# COMPACT_ATOMS: atom_id res chain seq x y z
N GLU A 3 1.89 -23.02 -13.07
CA GLU A 3 2.15 -23.21 -11.60
C GLU A 3 1.56 -22.05 -10.78
N PRO A 4 0.79 -22.37 -9.73
CA PRO A 4 0.28 -21.33 -8.83
C PRO A 4 1.41 -20.78 -7.96
N TYR A 5 1.32 -19.49 -7.64
CA TYR A 5 2.35 -18.83 -6.83
C TYR A 5 1.87 -18.53 -5.40
N THR A 6 0.58 -18.22 -5.27
CA THR A 6 -0.03 -18.05 -3.96
C THR A 6 -1.18 -19.03 -3.82
N THR A 7 -0.87 -20.21 -3.30
CA THR A 7 -1.84 -21.27 -3.15
C THR A 7 -2.51 -21.25 -1.77
N ILE A 8 -1.72 -20.96 -0.73
CA ILE A 8 -2.26 -20.77 0.62
C ILE A 8 -2.73 -19.32 0.80
N HIS A 9 -4.05 -19.16 0.88
CA HIS A 9 -4.65 -17.88 1.23
C HIS A 9 -5.25 -18.01 2.61
N GLN A 10 -4.39 -17.87 3.63
CA GLN A 10 -4.80 -18.06 5.03
C GLN A 10 -4.35 -16.89 5.91
N PRO A 11 -5.10 -16.62 7.01
CA PRO A 11 -4.61 -15.65 8.00
C PRO A 11 -3.33 -16.14 8.66
N GLY A 12 -2.44 -15.21 9.00
CA GLY A 12 -1.15 -15.56 9.58
C GLY A 12 -0.17 -16.04 8.53
N TYR A 13 -0.53 -15.88 7.25
CA TYR A 13 0.28 -16.36 6.14
C TYR A 13 0.65 -15.28 5.12
N CYS A 14 1.93 -15.26 4.77
CA CYS A 14 2.48 -14.28 3.85
C CYS A 14 2.40 -14.74 2.40
N ALA A 15 2.52 -13.78 1.48
CA ALA A 15 2.62 -14.08 0.06
C ALA A 15 4.08 -14.02 -0.35
N PHE A 16 4.79 -13.01 0.16
CA PHE A 16 6.21 -12.83 -0.09
C PHE A 16 6.96 -12.32 1.13
N TYR A 17 8.25 -12.66 1.21
CA TYR A 17 9.10 -12.21 2.31
C TYR A 17 10.53 -11.98 1.83
N ASP A 18 11.16 -10.94 2.39
CA ASP A 18 12.53 -10.51 2.04
C ASP A 18 12.66 -9.84 0.67
N GLU A 19 13.88 -9.39 0.38
CA GLU A 19 14.21 -8.70 -0.86
C GLU A 19 14.97 -9.66 -1.75
N CYS A 20 14.68 -9.59 -3.05
CA CYS A 20 15.35 -10.44 -4.03
C CYS A 20 16.26 -9.68 -4.98
N GLY A 21 15.98 -8.38 -5.18
CA GLY A 21 16.83 -7.54 -6.04
C GLY A 21 16.08 -6.61 -6.96
N LYS A 22 16.71 -6.27 -8.09
CA LYS A 22 16.14 -5.34 -9.08
C LYS A 22 14.97 -5.97 -9.83
N ASN A 23 14.02 -5.13 -10.24
CA ASN A 23 12.94 -5.55 -11.14
C ASN A 23 13.43 -5.50 -12.58
N PRO A 24 13.47 -6.66 -13.26
CA PRO A 24 13.99 -6.78 -14.64
C PRO A 24 13.09 -6.14 -15.70
N GLU A 25 11.78 -6.07 -15.42
CA GLU A 25 10.81 -5.47 -16.33
C GLU A 25 10.91 -3.94 -16.33
N LEU A 26 11.41 -3.40 -15.21
CA LEU A 26 11.66 -1.97 -15.09
C LEU A 26 12.91 -1.60 -15.87
N SER A 27 12.75 -0.72 -16.85
CA SER A 27 13.86 -0.28 -17.69
C SER A 27 14.73 0.74 -16.96
N GLY A 28 16.04 0.64 -17.14
CA GLY A 28 17.01 1.55 -16.51
C GLY A 28 16.89 2.98 -17.02
N SER A 29 15.93 3.72 -16.48
CA SER A 29 15.60 5.07 -16.94
C SER A 29 15.67 6.09 -15.80
N LEU A 30 15.03 5.75 -14.69
CA LEU A 30 15.17 6.53 -13.47
C LEU A 30 15.64 5.61 -12.34
N MET A 31 16.52 6.15 -11.50
CA MET A 31 17.13 5.38 -10.42
C MET A 31 16.06 4.72 -9.56
N THR A 32 16.02 3.39 -9.61
CA THR A 32 15.06 2.61 -8.82
C THR A 32 15.40 2.64 -7.34
N LEU A 33 14.44 3.12 -6.55
CA LEU A 33 14.60 3.32 -5.12
C LEU A 33 14.19 2.09 -4.32
N SER A 34 13.61 1.11 -5.00
CA SER A 34 13.16 -0.12 -4.35
C SER A 34 13.70 -1.37 -5.01
N ASN A 35 13.96 -2.38 -4.19
CA ASN A 35 14.14 -3.74 -4.66
C ASN A 35 12.79 -4.45 -4.69
N VAL A 36 12.81 -5.69 -5.17
CA VAL A 36 11.59 -6.47 -5.29
C VAL A 36 11.59 -7.63 -4.27
N SER A 37 10.41 -8.20 -3.99
CA SER A 37 10.25 -9.20 -2.94
C SER A 37 10.44 -10.63 -3.43
N CYS A 38 10.83 -11.52 -2.52
CA CYS A 38 10.95 -12.96 -2.82
C CYS A 38 9.66 -13.71 -2.52
N LEU A 39 9.18 -14.45 -3.51
CA LEU A 39 8.05 -15.37 -3.32
C LEU A 39 8.27 -16.23 -2.08
N SER A 40 7.29 -16.20 -1.17
CA SER A 40 7.40 -16.90 0.10
C SER A 40 6.03 -17.06 0.74
N ASN A 41 5.29 -18.08 0.28
CA ASN A 41 3.97 -18.38 0.80
C ASN A 41 4.06 -19.12 2.14
N THR A 42 4.63 -18.43 3.13
CA THR A 42 4.99 -19.05 4.40
C THR A 42 4.36 -18.30 5.59
N PRO A 43 4.27 -18.95 6.76
CA PRO A 43 3.74 -18.28 7.95
C PRO A 43 4.45 -16.96 8.28
N ALA A 44 3.70 -16.02 8.85
CA ALA A 44 4.21 -14.70 9.21
C ALA A 44 5.27 -14.79 10.31
N ARG A 45 6.14 -13.78 10.34
CA ARG A 45 7.29 -13.76 11.23
C ARG A 45 6.96 -12.99 12.51
N LYS A 46 7.65 -13.33 13.59
CA LYS A 46 7.58 -12.55 14.82
C LYS A 46 8.58 -11.41 14.72
N ILE A 47 8.10 -10.19 14.90
CA ILE A 47 8.90 -8.99 14.68
C ILE A 47 9.48 -8.49 16.00
N THR A 48 10.81 -8.47 16.07
CA THR A 48 11.52 -8.10 17.30
C THR A 48 12.70 -7.18 16.98
N GLY A 49 13.33 -6.64 18.03
CA GLY A 49 14.54 -5.84 17.90
C GLY A 49 14.41 -4.62 17.01
N ASP A 50 15.40 -4.42 16.15
CA ASP A 50 15.46 -3.27 15.24
C ASP A 50 14.26 -3.29 14.30
N HIS A 51 13.97 -4.48 13.79
CA HIS A 51 12.81 -4.74 12.94
C HIS A 51 11.51 -4.15 13.52
N LEU A 52 11.37 -4.19 14.85
CA LEU A 52 10.18 -3.61 15.50
C LEU A 52 10.09 -2.11 15.34
N ILE A 53 11.16 -1.40 15.69
CA ILE A 53 11.17 0.06 15.59
C ILE A 53 10.83 0.53 14.18
N LEU A 54 11.48 -0.06 13.18
CA LEU A 54 11.19 0.24 11.77
C LEU A 54 9.71 0.07 11.46
N LEU A 55 9.16 -1.08 11.83
CA LEU A 55 7.76 -1.39 11.61
C LEU A 55 6.87 -0.36 12.32
N GLN A 56 7.25 -0.02 13.55
CA GLN A 56 6.50 0.94 14.36
C GLN A 56 6.50 2.34 13.71
N LYS A 57 7.64 2.72 13.15
CA LYS A 57 7.79 4.05 12.55
C LYS A 57 7.27 4.12 11.11
N ILE A 58 7.49 3.07 10.33
CA ILE A 58 7.09 3.03 8.93
C ILE A 58 5.64 2.60 8.74
N CYS A 59 5.20 1.58 9.48
CA CYS A 59 3.81 1.10 9.42
C CYS A 59 3.10 1.13 10.79
N PRO A 60 2.87 2.34 11.34
CA PRO A 60 2.40 2.43 12.74
C PRO A 60 1.17 1.58 13.06
N ARG A 61 0.22 1.50 12.13
CA ARG A 61 -1.04 0.79 12.36
C ARG A 61 -0.89 -0.73 12.35
N LEU A 62 0.29 -1.21 12.00
CA LEU A 62 0.57 -2.64 12.02
C LEU A 62 1.34 -3.07 13.28
N TYR A 63 1.74 -2.10 14.10
CA TYR A 63 2.33 -2.40 15.41
C TYR A 63 1.22 -2.76 16.37
N THR A 64 1.28 -4.00 16.88
CA THR A 64 0.22 -4.53 17.73
C THR A 64 0.77 -4.93 19.11
N GLY A 65 1.66 -4.10 19.64
CA GLY A 65 2.28 -4.38 20.93
C GLY A 65 3.52 -5.25 20.77
N PRO A 66 4.06 -5.76 21.90
CA PRO A 66 5.26 -6.59 21.85
C PRO A 66 5.06 -7.87 21.04
N ASN A 67 3.84 -8.39 21.02
CA ASN A 67 3.49 -9.53 20.19
C ASN A 67 2.98 -9.05 18.84
N THR A 68 3.92 -8.80 17.94
CA THR A 68 3.61 -8.36 16.59
C THR A 68 4.08 -9.41 15.59
N GLN A 69 3.26 -9.64 14.57
CA GLN A 69 3.66 -10.47 13.44
C GLN A 69 3.48 -9.67 12.17
N ALA A 70 4.35 -9.93 11.19
CA ALA A 70 4.31 -9.21 9.93
C ALA A 70 4.89 -10.06 8.80
N CYS A 71 4.68 -9.60 7.56
CA CYS A 71 5.15 -10.30 6.38
C CYS A 71 6.17 -9.50 5.58
N CYS A 72 6.87 -8.58 6.26
CA CYS A 72 7.95 -7.83 5.65
C CYS A 72 9.19 -7.83 6.53
N SER A 73 10.35 -8.07 5.92
CA SER A 73 11.63 -8.03 6.64
C SER A 73 12.02 -6.58 6.96
N ALA A 74 13.10 -6.41 7.71
CA ALA A 74 13.64 -5.09 7.97
C ALA A 74 14.02 -4.42 6.65
N LYS A 75 14.59 -5.23 5.73
CA LYS A 75 15.03 -4.78 4.43
C LYS A 75 13.87 -4.26 3.57
N GLN A 76 12.71 -4.90 3.69
CA GLN A 76 11.51 -4.55 2.92
C GLN A 76 10.89 -3.23 3.35
N LEU A 77 11.07 -2.88 4.62
CA LEU A 77 10.50 -1.66 5.18
C LEU A 77 11.25 -0.41 4.71
N VAL A 78 12.54 -0.57 4.45
CA VAL A 78 13.36 0.50 3.90
C VAL A 78 13.00 0.75 2.43
N SER A 79 12.76 -0.34 1.69
CA SER A 79 12.31 -0.24 0.31
C SER A 79 10.93 0.36 0.20
N LEU A 80 10.11 0.11 1.23
CA LEU A 80 8.75 0.66 1.30
C LEU A 80 8.79 2.18 1.44
N GLU A 81 9.40 2.67 2.52
CA GLU A 81 9.50 4.11 2.77
C GLU A 81 10.21 4.88 1.66
N ALA A 82 11.11 4.21 0.95
CA ALA A 82 11.81 4.79 -0.19
C ALA A 82 10.85 5.14 -1.32
N SER A 83 9.99 4.17 -1.68
CA SER A 83 9.06 4.33 -2.79
C SER A 83 7.81 5.12 -2.41
N LEU A 84 7.59 5.31 -1.11
CA LEU A 84 6.47 6.11 -0.63
C LEU A 84 6.85 7.58 -0.45
N SER A 85 8.14 7.85 -0.36
CA SER A 85 8.67 9.21 -0.10
C SER A 85 8.12 10.27 -1.05
N ILE A 86 8.00 9.92 -2.32
CA ILE A 86 7.51 10.84 -3.35
C ILE A 86 6.06 11.26 -3.12
N THR A 87 5.19 10.27 -2.87
CA THR A 87 3.78 10.56 -2.62
C THR A 87 3.54 11.17 -1.23
N LYS A 88 4.18 10.61 -0.21
CA LYS A 88 4.07 11.15 1.16
C LYS A 88 4.31 12.66 1.21
N ALA A 89 5.20 13.15 0.36
CA ALA A 89 5.53 14.58 0.29
C ALA A 89 4.33 15.42 -0.13
N LEU A 90 3.54 14.90 -1.07
CA LEU A 90 2.36 15.59 -1.59
C LEU A 90 1.22 15.70 -0.57
N LEU A 91 1.23 14.79 0.42
CA LEU A 91 0.12 14.67 1.36
C LEU A 91 0.47 15.16 2.76
N THR A 92 1.50 16.00 2.87
CA THR A 92 1.95 16.49 4.18
C THR A 92 1.06 17.56 4.80
N ARG A 93 0.10 18.08 4.02
CA ARG A 93 -0.91 18.98 4.56
C ARG A 93 -1.86 18.25 5.51
N CYS A 94 -2.28 17.06 5.09
CA CYS A 94 -3.29 16.29 5.83
C CYS A 94 -2.74 14.92 6.26
N PRO A 95 -2.21 14.83 7.49
CA PRO A 95 -1.58 13.62 8.03
C PRO A 95 -2.49 12.38 8.09
N ALA A 96 -3.79 12.57 8.30
CA ALA A 96 -4.73 11.44 8.30
C ALA A 96 -4.81 10.76 6.92
N CYS A 97 -4.88 11.55 5.86
CA CYS A 97 -4.86 11.02 4.49
C CYS A 97 -3.53 10.37 4.18
N SER A 98 -2.45 11.01 4.64
CA SER A 98 -1.11 10.48 4.47
C SER A 98 -0.99 9.12 5.17
N ASP A 99 -1.47 9.06 6.40
CA ASP A 99 -1.52 7.81 7.18
C ASP A 99 -2.30 6.71 6.46
N ASN A 100 -3.44 7.08 5.86
CA ASN A 100 -4.29 6.15 5.12
C ASN A 100 -3.59 5.57 3.90
N PHE A 101 -2.96 6.46 3.12
CA PHE A 101 -2.20 6.06 1.92
C PHE A 101 -1.06 5.10 2.26
N VAL A 102 -0.30 5.44 3.30
CA VAL A 102 0.82 4.62 3.77
C VAL A 102 0.33 3.25 4.25
N ASN A 103 -0.76 3.24 5.03
CA ASN A 103 -1.31 2.00 5.58
C ASN A 103 -1.83 1.05 4.51
N LEU A 104 -2.28 1.64 3.41
CA LEU A 104 -2.77 0.89 2.26
C LEU A 104 -1.64 0.03 1.65
N HIS A 105 -0.45 0.63 1.54
CA HIS A 105 0.70 -0.07 1.00
C HIS A 105 1.41 -0.91 2.06
N CYS A 106 1.32 -0.47 3.32
CA CYS A 106 1.85 -1.22 4.45
C CYS A 106 1.21 -2.61 4.54
N HIS A 107 -0.11 -2.65 4.59
CA HIS A 107 -0.84 -3.92 4.55
C HIS A 107 -0.43 -4.78 3.37
N ASN A 108 -0.32 -4.18 2.19
CA ASN A 108 0.09 -4.89 0.97
C ASN A 108 1.44 -5.59 1.10
N THR A 109 2.31 -5.05 1.94
CA THR A 109 3.67 -5.56 2.05
C THR A 109 3.93 -6.27 3.38
N CYS A 110 3.27 -5.81 4.45
CA CYS A 110 3.62 -6.22 5.82
C CYS A 110 2.56 -6.98 6.60
N SER A 111 1.31 -6.92 6.15
CA SER A 111 0.20 -7.54 6.89
C SER A 111 0.49 -9.01 7.16
N PRO A 112 0.31 -9.46 8.42
CA PRO A 112 0.48 -10.86 8.78
C PRO A 112 -0.61 -11.74 8.16
N ASN A 113 -1.50 -11.11 7.40
CA ASN A 113 -2.60 -11.79 6.74
C ASN A 113 -2.54 -11.60 5.23
N GLN A 114 -1.46 -11.00 4.75
CA GLN A 114 -1.39 -10.50 3.36
C GLN A 114 -1.88 -11.50 2.31
N SER A 115 -1.62 -12.78 2.53
CA SER A 115 -2.00 -13.82 1.57
C SER A 115 -3.51 -13.96 1.37
N LEU A 116 -4.31 -13.36 2.26
CA LEU A 116 -5.77 -13.39 2.14
C LEU A 116 -6.30 -12.43 1.08
N PHE A 117 -5.56 -11.34 0.86
CA PHE A 117 -5.97 -10.32 -0.10
C PHE A 117 -4.90 -10.01 -1.16
N ILE A 118 -3.82 -10.79 -1.14
CA ILE A 118 -2.77 -10.67 -2.15
C ILE A 118 -2.49 -12.01 -2.82
N ASN A 119 -2.46 -11.98 -4.15
CA ASN A 119 -2.25 -13.16 -4.97
C ASN A 119 -1.24 -12.81 -6.05
N VAL A 120 -0.02 -13.33 -5.94
CA VAL A 120 1.02 -12.95 -6.91
C VAL A 120 0.77 -13.64 -8.25
N THR A 121 0.88 -12.87 -9.33
CA THR A 121 0.52 -13.34 -10.66
C THR A 121 1.71 -13.70 -11.54
N ARG A 122 2.81 -12.97 -11.38
CA ARG A 122 4.01 -13.23 -12.16
C ARG A 122 5.25 -13.15 -11.28
N VAL A 123 6.20 -14.06 -11.50
CA VAL A 123 7.49 -14.02 -10.81
C VAL A 123 8.65 -13.99 -11.81
N ALA A 124 9.86 -13.84 -11.28
CA ALA A 124 11.08 -13.85 -12.09
C ALA A 124 12.22 -14.43 -11.28
N GLN A 125 12.99 -15.32 -11.90
CA GLN A 125 14.16 -15.88 -11.26
C GLN A 125 15.34 -14.93 -11.40
N LEU A 126 15.74 -14.32 -10.30
CA LEU A 126 16.80 -13.31 -10.30
C LEU A 126 18.20 -13.91 -10.14
N GLY A 127 18.33 -14.92 -9.30
CA GLY A 127 19.61 -15.59 -9.09
C GLY A 127 19.49 -17.10 -9.03
N ALA A 128 20.63 -17.78 -9.09
CA ALA A 128 20.68 -19.24 -9.00
C ALA A 128 20.62 -19.72 -7.55
N GLY A 129 19.74 -20.67 -7.27
CA GLY A 129 19.53 -21.19 -5.91
C GLY A 129 18.59 -20.32 -5.09
N GLN A 130 18.47 -19.06 -5.51
CA GLN A 130 17.59 -18.08 -4.90
C GLN A 130 16.10 -18.41 -5.15
N LEU A 131 15.24 -17.96 -4.23
CA LEU A 131 13.79 -18.06 -4.38
C LEU A 131 13.34 -17.08 -5.48
N PRO A 132 12.27 -17.42 -6.22
CA PRO A 132 11.79 -16.53 -7.28
C PRO A 132 11.36 -15.17 -6.76
N ALA A 133 11.48 -14.14 -7.58
CA ALA A 133 11.12 -12.78 -7.20
C ALA A 133 9.74 -12.39 -7.69
N VAL A 134 8.96 -11.80 -6.79
CA VAL A 134 7.59 -11.35 -7.10
C VAL A 134 7.65 -10.10 -7.97
N VAL A 135 7.14 -10.21 -9.20
CA VAL A 135 7.24 -9.10 -10.16
C VAL A 135 5.85 -8.52 -10.51
N ALA A 136 4.80 -9.30 -10.26
CA ALA A 136 3.44 -8.84 -10.45
C ALA A 136 2.50 -9.53 -9.48
N TYR A 137 1.62 -8.75 -8.86
CA TYR A 137 0.58 -9.32 -8.00
C TYR A 137 -0.71 -8.51 -8.07
N GLU A 138 -1.78 -9.12 -7.59
CA GLU A 138 -3.07 -8.43 -7.50
C GLU A 138 -3.53 -8.28 -6.06
N ALA A 139 -3.95 -7.06 -5.72
CA ALA A 139 -4.48 -6.75 -4.39
C ALA A 139 -6.00 -6.71 -4.44
N PHE A 140 -6.64 -7.45 -3.54
CA PHE A 140 -8.09 -7.48 -3.45
C PHE A 140 -8.55 -6.63 -2.28
N TYR A 141 -9.23 -5.53 -2.58
CA TYR A 141 -9.73 -4.61 -1.57
C TYR A 141 -11.24 -4.60 -1.57
N GLN A 142 -11.84 -4.38 -0.40
CA GLN A 142 -13.27 -4.12 -0.36
C GLN A 142 -13.48 -2.71 -0.91
N HIS A 143 -14.48 -2.56 -1.76
CA HIS A 143 -14.77 -1.31 -2.47
C HIS A 143 -14.89 -0.11 -1.54
N SER A 144 -15.52 -0.31 -0.38
CA SER A 144 -15.73 0.76 0.60
C SER A 144 -14.43 1.21 1.26
N PHE A 145 -13.52 0.26 1.49
CA PHE A 145 -12.20 0.56 2.04
C PHE A 145 -11.38 1.43 1.08
N ALA A 146 -11.49 1.14 -0.21
CA ALA A 146 -10.81 1.91 -1.23
C ALA A 146 -11.43 3.29 -1.41
N GLU A 147 -12.77 3.34 -1.44
CA GLU A 147 -13.49 4.61 -1.57
C GLU A 147 -13.18 5.56 -0.41
N GLN A 148 -13.17 5.01 0.81
CA GLN A 148 -12.90 5.80 2.01
C GLN A 148 -11.47 6.30 2.05
N SER A 149 -10.54 5.48 1.57
CA SER A 149 -9.13 5.87 1.46
C SER A 149 -8.94 7.01 0.47
N TYR A 150 -9.58 6.90 -0.69
CA TYR A 150 -9.53 7.93 -1.72
C TYR A 150 -10.21 9.22 -1.28
N ASP A 151 -11.36 9.10 -0.61
CA ASP A 151 -12.13 10.25 -0.17
C ASP A 151 -11.38 11.10 0.84
N SER A 152 -10.57 10.46 1.68
CA SER A 152 -9.77 11.18 2.66
C SER A 152 -8.65 12.00 2.00
N CYS A 153 -8.29 11.63 0.76
CA CYS A 153 -7.23 12.31 0.03
C CYS A 153 -7.73 13.15 -1.15
N SER A 154 -8.96 12.89 -1.58
CA SER A 154 -9.51 13.49 -2.82
C SER A 154 -9.48 15.03 -2.85
N ARG A 155 -9.42 15.65 -1.69
CA ARG A 155 -9.55 17.10 -1.58
C ARG A 155 -8.31 17.80 -1.02
N VAL A 156 -7.29 17.01 -0.67
CA VAL A 156 -6.06 17.55 -0.10
C VAL A 156 -5.30 18.40 -1.13
N ARG A 157 -4.76 19.53 -0.67
CA ARG A 157 -3.94 20.39 -1.50
C ARG A 157 -2.46 20.04 -1.36
N VAL A 158 -1.72 20.28 -2.45
CA VAL A 158 -0.27 20.16 -2.46
C VAL A 158 0.32 21.27 -1.58
N PRO A 159 1.34 20.94 -0.75
CA PRO A 159 2.06 21.91 0.07
C PRO A 159 2.24 23.29 -0.59
N ALA A 160 1.82 24.33 0.12
CA ALA A 160 1.93 25.74 -0.33
C ALA A 160 1.29 26.08 -1.69
N ALA A 161 0.32 25.26 -2.12
CA ALA A 161 -0.38 25.45 -3.38
C ALA A 161 -1.85 25.04 -3.28
N ALA A 162 -2.63 25.42 -4.28
CA ALA A 162 -4.06 25.08 -4.34
C ALA A 162 -4.31 23.81 -5.16
N THR A 163 -3.27 23.33 -5.84
CA THR A 163 -3.36 22.12 -6.66
C THR A 163 -3.72 20.91 -5.82
N LEU A 164 -4.68 20.11 -6.31
CA LEU A 164 -5.05 18.87 -5.65
C LEU A 164 -4.02 17.79 -5.92
N ALA A 165 -3.63 17.06 -4.87
CA ALA A 165 -2.58 16.06 -4.94
C ALA A 165 -2.96 14.80 -5.74
N VAL A 166 -4.25 14.45 -5.71
CA VAL A 166 -4.75 13.28 -6.45
C VAL A 166 -4.72 13.50 -7.97
N GLY A 167 -4.82 14.76 -8.38
CA GLY A 167 -4.74 15.14 -9.80
C GLY A 167 -3.33 14.95 -10.34
N THR A 168 -2.34 15.09 -9.48
CA THR A 168 -0.95 14.83 -9.81
C THR A 168 -0.65 13.33 -9.80
N MET A 169 -1.68 12.51 -9.59
CA MET A 169 -1.53 11.08 -9.34
C MET A 169 -2.55 10.20 -10.06
N CYS A 170 -3.22 10.72 -11.08
CA CYS A 170 -4.34 10.00 -11.70
C CYS A 170 -4.17 9.80 -13.21
N GLY A 171 -2.92 9.89 -13.68
CA GLY A 171 -2.61 9.69 -15.09
C GLY A 171 -3.23 10.74 -15.99
N VAL A 172 -3.91 10.28 -17.04
CA VAL A 172 -4.53 11.17 -18.04
C VAL A 172 -5.81 11.83 -17.51
N TYR A 173 -6.43 11.20 -16.53
CA TYR A 173 -7.59 11.77 -15.85
C TYR A 173 -7.11 12.84 -14.87
N GLY A 174 -7.81 13.96 -14.82
CA GLY A 174 -7.46 15.06 -13.92
C GLY A 174 -7.88 14.76 -12.51
N SER A 175 -8.20 15.82 -11.76
CA SER A 175 -8.83 15.66 -10.46
C SER A 175 -10.32 15.45 -10.69
N ALA A 176 -10.85 16.17 -11.67
CA ALA A 176 -12.27 16.13 -12.03
C ALA A 176 -12.72 14.73 -12.41
N LEU A 177 -11.89 14.03 -13.19
CA LEU A 177 -12.20 12.69 -13.68
C LEU A 177 -11.65 11.59 -12.78
N CYS A 178 -10.83 11.96 -11.79
CA CYS A 178 -10.16 10.97 -10.95
C CYS A 178 -11.12 10.11 -10.14
N ASN A 179 -10.61 9.00 -9.62
CA ASN A 179 -11.44 7.93 -9.11
C ASN A 179 -10.65 7.06 -8.12
N ALA A 180 -11.36 6.48 -7.16
CA ALA A 180 -10.75 5.53 -6.22
C ALA A 180 -10.03 4.41 -6.97
N GLN A 181 -10.71 3.88 -8.00
CA GLN A 181 -10.19 2.80 -8.84
C GLN A 181 -8.95 3.25 -9.62
N ARG A 182 -9.06 4.39 -10.28
CA ARG A 182 -8.02 4.90 -11.17
C ARG A 182 -6.80 5.43 -10.42
N TRP A 183 -7.06 6.08 -9.29
CA TRP A 183 -6.03 6.55 -8.36
C TRP A 183 -5.09 5.41 -7.97
N LEU A 184 -5.68 4.26 -7.64
CA LEU A 184 -4.92 3.06 -7.28
C LEU A 184 -4.26 2.42 -8.50
N ASN A 185 -4.98 2.41 -9.63
CA ASN A 185 -4.43 1.90 -10.89
C ASN A 185 -3.12 2.56 -11.30
N PHE A 186 -3.04 3.87 -11.09
CA PHE A 186 -1.83 4.65 -11.33
C PHE A 186 -0.71 4.24 -10.38
N GLN A 187 -1.06 4.01 -9.12
CA GLN A 187 -0.09 3.69 -8.06
C GLN A 187 0.58 2.34 -8.23
N GLY A 188 -0.10 1.42 -8.91
CA GLY A 188 0.45 0.10 -9.18
C GLY A 188 0.86 -0.07 -10.63
N ASP A 189 1.16 1.05 -11.29
CA ASP A 189 1.51 1.05 -12.71
C ASP A 189 2.98 1.39 -12.97
N THR A 190 3.63 0.53 -13.73
CA THR A 190 5.05 0.67 -14.07
C THR A 190 5.25 1.77 -15.12
N GLY A 191 4.37 1.82 -16.11
CA GLY A 191 4.41 2.86 -17.15
C GLY A 191 4.22 4.27 -16.61
N ASN A 192 3.66 4.37 -15.40
CA ASN A 192 3.52 5.63 -14.69
C ASN A 192 4.69 5.91 -13.75
N GLY A 193 5.69 5.02 -13.80
CA GLY A 193 6.98 5.22 -13.13
C GLY A 193 6.93 5.35 -11.62
N LEU A 194 5.81 4.96 -11.02
CA LEU A 194 5.63 5.06 -9.58
C LEU A 194 5.96 3.73 -8.91
N ALA A 195 5.27 2.68 -9.34
CA ALA A 195 5.37 1.37 -8.70
C ALA A 195 6.68 0.67 -9.04
N PRO A 196 7.28 -0.03 -8.06
CA PRO A 196 8.42 -0.91 -8.33
C PRO A 196 8.01 -2.15 -9.11
N LEU A 197 6.74 -2.56 -8.99
CA LEU A 197 6.23 -3.75 -9.67
C LEU A 197 4.74 -3.60 -10.01
N ASP A 198 4.26 -4.45 -10.94
CA ASP A 198 2.86 -4.47 -11.34
C ASP A 198 1.92 -4.81 -10.19
N ILE A 199 1.11 -3.84 -9.78
CA ILE A 199 0.02 -4.14 -8.85
C ILE A 199 -1.31 -3.96 -9.58
N THR A 200 -2.18 -4.95 -9.44
CA THR A 200 -3.53 -4.88 -9.99
C THR A 200 -4.52 -4.79 -8.84
N PHE A 201 -5.21 -3.66 -8.76
CA PHE A 201 -6.18 -3.42 -7.71
C PHE A 201 -7.58 -3.84 -8.14
N HIS A 202 -8.14 -4.79 -7.39
CA HIS A 202 -9.52 -5.20 -7.56
C HIS A 202 -10.31 -4.65 -6.39
N LEU A 203 -11.31 -3.83 -6.71
CA LEU A 203 -12.16 -3.21 -5.70
C LEU A 203 -13.52 -3.87 -5.72
N LEU A 204 -13.75 -4.77 -4.78
CA LEU A 204 -14.92 -5.64 -4.79
C LEU A 204 -15.96 -5.24 -3.76
N GLU A 205 -17.21 -5.56 -4.06
CA GLU A 205 -18.26 -5.58 -3.06
C GLU A 205 -18.50 -7.02 -2.61
N PRO A 206 -18.97 -7.23 -1.36
CA PRO A 206 -19.15 -8.57 -0.79
C PRO A 206 -19.68 -9.66 -1.74
N GLY A 207 -20.61 -9.29 -2.62
CA GLY A 207 -21.23 -10.23 -3.55
C GLY A 207 -20.32 -10.75 -4.64
N GLN A 208 -19.14 -10.13 -4.78
CA GLN A 208 -18.17 -10.52 -5.81
C GLN A 208 -17.12 -11.47 -5.23
N ALA A 209 -16.75 -11.22 -3.97
CA ALA A 209 -15.71 -11.99 -3.29
C ALA A 209 -16.20 -13.37 -2.86
N VAL A 210 -17.49 -13.61 -3.00
CA VAL A 210 -18.10 -14.87 -2.59
C VAL A 210 -17.60 -16.02 -3.48
N GLY A 211 -17.00 -17.03 -2.85
CA GLY A 211 -16.51 -18.20 -3.56
C GLY A 211 -15.16 -18.05 -4.24
N SER A 212 -14.52 -16.89 -4.06
CA SER A 212 -13.25 -16.61 -4.71
C SER A 212 -12.06 -17.28 -4.00
N GLY A 213 -12.25 -17.67 -2.75
CA GLY A 213 -11.17 -18.23 -1.95
C GLY A 213 -10.20 -17.15 -1.54
N ILE A 214 -10.69 -15.92 -1.55
CA ILE A 214 -9.92 -14.73 -1.21
C ILE A 214 -10.76 -13.88 -0.26
N GLN A 215 -10.10 -13.20 0.67
CA GLN A 215 -10.83 -12.31 1.58
C GLN A 215 -10.27 -10.89 1.51
N PRO A 216 -10.97 -10.00 0.79
CA PRO A 216 -10.56 -8.62 0.48
C PRO A 216 -10.26 -7.79 1.73
N LEU A 217 -9.30 -6.88 1.59
CA LEU A 217 -8.92 -5.98 2.67
C LEU A 217 -10.05 -4.99 2.96
N ASN A 218 -10.39 -4.88 4.24
CA ASN A 218 -11.40 -3.95 4.71
C ASN A 218 -10.95 -3.31 6.02
N GLU A 219 -9.83 -2.61 5.97
CA GLU A 219 -9.25 -2.01 7.16
C GLU A 219 -9.90 -0.66 7.46
N GLY A 220 -9.81 -0.24 8.72
CA GLY A 220 -10.29 1.05 9.16
C GLY A 220 -9.45 2.17 8.57
N VAL A 221 -10.13 3.18 8.02
CA VAL A 221 -9.49 4.35 7.43
C VAL A 221 -9.90 5.60 8.22
N ALA A 222 -8.89 6.38 8.62
CA ALA A 222 -9.09 7.59 9.41
C ALA A 222 -9.79 8.68 8.61
N ARG A 223 -10.86 9.23 9.19
CA ARG A 223 -11.57 10.37 8.60
C ARG A 223 -10.85 11.66 8.99
N CYS A 224 -10.57 12.51 7.99
CA CYS A 224 -9.83 13.76 8.22
C CYS A 224 -10.58 14.78 9.08
N ASN A 225 -11.89 14.59 9.25
CA ASN A 225 -12.68 15.43 10.16
C ASN A 225 -12.62 14.92 11.61
N GLU A 226 -11.95 13.79 11.81
CA GLU A 226 -11.77 13.19 13.12
C GLU A 226 -10.29 13.22 13.52
N SER A 227 -10.04 13.35 14.81
CA SER A 227 -8.68 13.37 15.34
C SER A 227 -8.15 11.97 15.59
N GLN A 228 -6.85 11.79 15.34
CA GLN A 228 -6.16 10.53 15.62
C GLN A 228 -5.44 10.58 16.96
N GLY A 229 -5.52 9.47 17.70
CA GLY A 229 -4.85 9.35 19.00
C GLY A 229 -5.25 10.45 19.95
N ASP A 230 -4.26 11.01 20.64
CA ASP A 230 -4.47 12.05 21.64
C ASP A 230 -4.10 13.44 21.13
N ASP A 231 -3.66 13.50 19.88
CA ASP A 231 -3.26 14.75 19.21
C ASP A 231 -4.34 15.84 19.24
N VAL A 232 -5.58 15.46 18.94
CA VAL A 232 -6.72 16.40 18.85
C VAL A 232 -6.45 17.46 17.77
N ALA A 233 -6.31 16.99 16.54
CA ALA A 233 -6.05 17.87 15.39
C ALA A 233 -6.69 17.29 14.14
N THR A 234 -7.28 18.16 13.32
CA THR A 234 -8.00 17.73 12.13
C THR A 234 -7.61 18.53 10.89
N CYS A 235 -7.63 17.89 9.73
CA CYS A 235 -7.32 18.54 8.45
C CYS A 235 -8.34 19.63 8.15
N SER A 236 -7.87 20.72 7.55
CA SER A 236 -8.68 21.90 7.30
C SER A 236 -9.79 21.65 6.28
N CYS A 237 -10.84 22.47 6.33
CA CYS A 237 -11.98 22.37 5.41
C CYS A 237 -11.58 22.51 3.93
N GLN A 238 -10.45 23.17 3.67
CA GLN A 238 -9.95 23.29 2.31
C GLN A 238 -9.31 22.00 1.79
N ASP A 239 -8.82 21.16 2.71
CA ASP A 239 -8.20 19.88 2.36
C ASP A 239 -9.15 18.71 2.59
N CYS A 240 -10.19 18.94 3.38
CA CYS A 240 -11.07 17.89 3.85
C CYS A 240 -12.52 18.35 3.80
N ALA A 241 -13.27 17.80 2.85
CA ALA A 241 -14.69 18.15 2.68
C ALA A 241 -15.52 17.88 3.95
N ALA A 242 -15.16 16.84 4.68
CA ALA A 242 -15.87 16.45 5.90
C ALA A 242 -15.62 17.41 7.06
N SER A 243 -14.54 18.18 6.98
CA SER A 243 -14.21 19.17 8.01
C SER A 243 -14.94 20.50 7.77
N CYS A 244 -16.04 20.45 7.03
CA CYS A 244 -16.81 21.63 6.67
C CYS A 244 -18.24 21.55 7.20
N PRO A 245 -18.86 22.69 7.55
CA PRO A 245 -18.36 24.07 7.45
C PRO A 245 -17.15 24.34 8.35
N ALA A 246 -16.28 25.24 7.92
CA ALA A 246 -15.06 25.58 8.66
C ALA A 246 -15.36 26.42 9.90
#